data_3NAS
#
_entry.id   3NAS
#
_cell.length_a   67.043
_cell.length_b   78.171
_cell.length_c   92.067
_cell.angle_alpha   90.00
_cell.angle_beta   90.00
_cell.angle_gamma   90.00
#
_symmetry.space_group_name_H-M   'P 21 21 21'
#
loop_
_entity.id
_entity.type
_entity.pdbx_description
1 polymer beta-phosphoglucomutase
2 water water
#
_entity_poly.entity_id   1
_entity_poly.type   'polypeptide(L)'
_entity_poly.pdbx_seq_one_letter_code
;SLKAVIFDLDGVITDTAEYHFLAWKHIAEQIDIPFDRD(MSE)NERLKGISREESLESILIFGGAETKYTNAEKQEL
(MSE)HRKNRDYQ(MSE)LISKLTPEDLLPGIGRLLCQLKNENIKIGLASSSRNAPKILRRLAIIDDFHAIVDPTTLAKG
KPDPDIFLTAAA(MSE)LDVSPADCAAIEDAEAGISAIKSAG(MSE)FAVGVGQGQP(MSE)LGADLVVRQTSDLTLELL
HEEWEQYRIRESEGHHHHHH
;
_entity_poly.pdbx_strand_id   A,B
#
# COMPACT_ATOMS: atom_id res chain seq x y z
N LEU A 2 -3.60 -15.67 23.13
CA LEU A 2 -2.88 -15.62 21.85
C LEU A 2 -1.47 -15.04 21.99
N LYS A 3 -0.45 -15.88 21.71
CA LYS A 3 0.94 -15.53 22.02
C LYS A 3 1.90 -15.28 20.84
N ALA A 4 1.69 -16.00 19.75
CA ALA A 4 2.57 -15.81 18.60
C ALA A 4 1.79 -15.80 17.30
N VAL A 5 2.31 -15.04 16.33
CA VAL A 5 1.84 -15.15 14.96
C VAL A 5 3.00 -15.51 14.06
N ILE A 6 2.83 -16.58 13.29
CA ILE A 6 3.83 -17.09 12.39
C ILE A 6 3.45 -16.78 10.95
N PHE A 7 4.33 -16.11 10.23
CA PHE A 7 4.03 -15.71 8.85
C PHE A 7 4.74 -16.62 7.89
N ASP A 8 4.18 -16.75 6.68
CA ASP A 8 4.93 -17.24 5.54
C ASP A 8 5.24 -16.02 4.68
N LEU A 9 5.99 -16.20 3.61
CA LEU A 9 6.46 -15.06 2.82
C LEU A 9 5.54 -14.67 1.67
N ASP A 10 5.35 -15.59 0.74
CA ASP A 10 4.62 -15.32 -0.50
C ASP A 10 3.17 -14.95 -0.29
N GLY A 11 2.74 -13.93 -1.01
CA GLY A 11 1.35 -13.53 -1.00
C GLY A 11 0.91 -13.10 0.37
N VAL A 12 1.77 -13.28 1.36
CA VAL A 12 1.46 -12.82 2.69
C VAL A 12 2.27 -11.58 3.05
N ILE A 13 3.57 -11.61 2.77
CA ILE A 13 4.41 -10.47 3.09
C ILE A 13 4.91 -9.83 1.82
N THR A 14 5.22 -10.68 0.85
CA THR A 14 5.76 -10.19 -0.40
C THR A 14 4.79 -10.53 -1.51
N ASP A 15 4.72 -9.63 -2.49
CA ASP A 15 3.86 -9.82 -3.64
C ASP A 15 4.60 -10.61 -4.71
N THR A 16 5.00 -11.82 -4.35
CA THR A 16 5.76 -12.66 -5.24
C THR A 16 4.99 -12.85 -6.54
N ALA A 17 3.70 -13.15 -6.42
CA ALA A 17 2.82 -13.35 -7.56
C ALA A 17 3.04 -12.30 -8.64
N GLU A 18 2.93 -11.04 -8.25
CA GLU A 18 3.20 -9.97 -9.19
C GLU A 18 4.56 -10.16 -9.84
N TYR A 19 5.56 -10.43 -9.00
CA TYR A 19 6.92 -10.54 -9.50
C TYR A 19 7.06 -11.69 -10.48
N HIS A 20 6.29 -12.74 -10.27
CA HIS A 20 6.26 -13.80 -11.27
C HIS A 20 5.58 -13.30 -12.54
N PHE A 21 4.51 -12.53 -12.39
CA PHE A 21 3.86 -11.98 -13.57
C PHE A 21 4.85 -11.20 -14.40
N LEU A 22 5.50 -10.22 -13.77
CA LEU A 22 6.46 -9.36 -14.44
C LEU A 22 7.61 -10.14 -15.10
N ALA A 23 8.16 -11.10 -14.35
CA ALA A 23 9.14 -12.05 -14.88
C ALA A 23 8.70 -12.59 -16.24
N TRP A 24 7.62 -13.35 -16.21
CA TRP A 24 7.01 -13.86 -17.43
C TRP A 24 6.89 -12.81 -18.52
N LYS A 25 6.40 -11.63 -18.15
CA LYS A 25 6.19 -10.57 -19.12
C LYS A 25 7.48 -10.18 -19.85
N HIS A 26 8.52 -9.88 -19.09
CA HIS A 26 9.72 -9.30 -19.66
C HIS A 26 10.37 -10.27 -20.64
N ILE A 27 10.35 -11.54 -20.28
CA ILE A 27 10.82 -12.59 -21.16
C ILE A 27 10.06 -12.54 -22.47
N ALA A 28 8.76 -12.27 -22.35
CA ALA A 28 7.86 -12.21 -23.50
C ALA A 28 8.19 -11.02 -24.39
N GLU A 29 8.56 -9.91 -23.79
CA GLU A 29 9.01 -8.78 -24.58
C GLU A 29 10.21 -9.28 -25.35
N GLN A 30 11.16 -9.80 -24.59
CA GLN A 30 12.42 -10.23 -25.18
C GLN A 30 12.16 -11.26 -26.26
N ILE A 31 11.02 -11.93 -26.17
CA ILE A 31 10.65 -12.90 -27.19
C ILE A 31 9.53 -12.41 -28.11
N ASP A 32 9.20 -11.13 -27.98
CA ASP A 32 8.27 -10.48 -28.88
C ASP A 32 6.87 -11.06 -28.83
N ILE A 33 6.35 -11.27 -27.63
CA ILE A 33 4.98 -11.74 -27.47
C ILE A 33 4.26 -11.02 -26.34
N PRO A 34 3.12 -10.41 -26.65
CA PRO A 34 2.43 -9.58 -25.65
C PRO A 34 1.89 -10.48 -24.57
N PHE A 35 2.02 -10.09 -23.32
CA PHE A 35 1.70 -11.03 -22.25
C PHE A 35 0.43 -10.76 -21.43
N ASP A 36 0.36 -9.64 -20.72
CA ASP A 36 -0.86 -9.29 -19.96
C ASP A 36 -1.31 -10.28 -18.86
N ARG A 37 -2.16 -9.79 -17.96
CA ARG A 37 -2.55 -10.52 -16.76
C ARG A 37 -3.61 -11.59 -16.98
N ASP A 38 -4.44 -11.40 -18.01
CA ASP A 38 -5.45 -12.39 -18.32
C ASP A 38 -4.76 -13.71 -18.60
N MSE A 39 -3.96 -13.72 -19.64
CA MSE A 39 -3.12 -14.86 -19.91
C MSE A 39 -2.45 -15.37 -18.65
O MSE A 39 -2.44 -16.56 -18.37
CB MSE A 39 -2.06 -14.49 -20.92
CG MSE A 39 -2.62 -14.06 -22.25
SE MSE A 39 -1.10 -13.76 -23.43
CE MSE A 39 -0.05 -15.34 -22.89
N ASN A 40 -1.91 -14.43 -17.88
CA ASN A 40 -1.28 -14.77 -16.61
C ASN A 40 -2.22 -15.54 -15.70
N GLU A 41 -3.41 -15.00 -15.48
CA GLU A 41 -4.39 -15.59 -14.57
C GLU A 41 -4.82 -17.01 -15.00
N ARG A 42 -4.76 -17.29 -16.30
CA ARG A 42 -5.10 -18.63 -16.78
C ARG A 42 -3.95 -19.58 -16.51
N LEU A 43 -2.75 -19.02 -16.58
CA LEU A 43 -1.55 -19.79 -16.36
C LEU A 43 -1.21 -19.94 -14.87
N LYS A 44 -2.16 -19.58 -14.02
CA LYS A 44 -2.02 -19.82 -12.58
C LYS A 44 -2.04 -21.32 -12.30
N GLY A 45 -1.02 -21.80 -11.61
CA GLY A 45 -0.95 -23.20 -11.22
C GLY A 45 -0.48 -24.12 -12.34
N ILE A 46 0.02 -23.51 -13.40
CA ILE A 46 0.45 -24.26 -14.56
C ILE A 46 1.95 -24.45 -14.47
N SER A 47 2.40 -25.65 -14.84
CA SER A 47 3.84 -25.96 -14.92
C SER A 47 4.63 -24.81 -15.56
N ARG A 48 5.84 -24.55 -15.08
CA ARG A 48 6.68 -23.53 -15.70
C ARG A 48 6.87 -23.83 -17.19
N GLU A 49 7.30 -25.05 -17.47
CA GLU A 49 7.46 -25.53 -18.85
C GLU A 49 6.14 -25.43 -19.64
N GLU A 50 5.03 -25.71 -18.97
CA GLU A 50 3.73 -25.69 -19.60
C GLU A 50 3.29 -24.27 -19.90
N SER A 51 3.46 -23.37 -18.93
CA SER A 51 3.19 -21.96 -19.14
C SER A 51 3.89 -21.48 -20.40
N LEU A 52 5.21 -21.60 -20.43
CA LEU A 52 5.99 -21.20 -21.60
C LEU A 52 5.41 -21.70 -22.91
N GLU A 53 4.90 -22.92 -22.94
CA GLU A 53 4.41 -23.49 -24.20
C GLU A 53 3.14 -22.78 -24.65
N SER A 54 2.37 -22.31 -23.68
CA SER A 54 1.13 -21.59 -23.93
C SER A 54 1.46 -20.19 -24.45
N ILE A 55 2.46 -19.55 -23.87
CA ILE A 55 2.90 -18.26 -24.38
C ILE A 55 3.39 -18.42 -25.83
N LEU A 56 4.22 -19.43 -26.04
CA LEU A 56 4.76 -19.70 -27.35
C LEU A 56 3.67 -19.99 -28.37
N ILE A 57 2.64 -20.70 -27.94
CA ILE A 57 1.53 -21.01 -28.82
C ILE A 57 0.70 -19.77 -29.19
N PHE A 58 0.57 -18.82 -28.26
CA PHE A 58 -0.12 -17.57 -28.57
C PHE A 58 0.68 -16.78 -29.62
N GLY A 59 1.99 -16.91 -29.58
CA GLY A 59 2.83 -16.18 -30.51
C GLY A 59 3.09 -16.99 -31.77
N GLY A 60 2.42 -18.13 -31.87
CA GLY A 60 2.67 -19.05 -32.98
C GLY A 60 4.14 -19.36 -33.09
N ALA A 61 4.76 -19.74 -31.97
CA ALA A 61 6.21 -19.89 -31.90
C ALA A 61 6.65 -21.15 -31.14
N GLU A 62 5.71 -22.03 -30.86
CA GLU A 62 6.04 -23.24 -30.11
C GLU A 62 6.94 -24.15 -30.93
N THR A 63 7.02 -23.87 -32.22
CA THR A 63 7.87 -24.64 -33.12
C THR A 63 9.20 -23.92 -33.39
N LYS A 64 9.25 -22.63 -33.12
CA LYS A 64 10.47 -21.85 -33.39
C LYS A 64 11.64 -22.21 -32.50
N TYR A 65 11.34 -22.80 -31.34
CA TYR A 65 12.36 -22.98 -30.30
C TYR A 65 12.62 -24.43 -29.90
N THR A 66 13.90 -24.74 -29.75
CA THR A 66 14.33 -26.06 -29.31
C THR A 66 14.01 -26.23 -27.84
N ASN A 67 14.10 -27.46 -27.35
CA ASN A 67 13.96 -27.69 -25.92
C ASN A 67 15.05 -26.91 -25.19
N ALA A 68 16.28 -27.08 -25.68
CA ALA A 68 17.42 -26.39 -25.10
C ALA A 68 17.13 -24.91 -24.88
N GLU A 69 16.58 -24.27 -25.90
CA GLU A 69 16.34 -22.83 -25.86
C GLU A 69 15.21 -22.50 -24.91
N LYS A 70 14.17 -23.33 -24.90
CA LYS A 70 13.09 -23.15 -23.95
C LYS A 70 13.62 -23.28 -22.52
N GLN A 71 14.57 -24.19 -22.33
CA GLN A 71 15.23 -24.34 -21.04
C GLN A 71 15.86 -23.03 -20.63
N GLU A 72 16.72 -22.49 -21.50
CA GLU A 72 17.35 -21.21 -21.20
C GLU A 72 16.31 -20.13 -20.98
N LEU A 73 15.25 -20.15 -21.78
CA LEU A 73 14.15 -19.21 -21.59
C LEU A 73 13.73 -19.28 -20.13
N MSE A 74 13.42 -20.49 -19.70
CA MSE A 74 12.89 -20.67 -18.36
C MSE A 74 13.95 -20.28 -17.34
O MSE A 74 13.63 -19.82 -16.25
CB MSE A 74 12.42 -22.11 -18.17
CG MSE A 74 11.17 -22.47 -18.94
SE MSE A 74 10.70 -24.37 -18.78
CE MSE A 74 11.92 -25.13 -20.11
N HIS A 75 15.21 -20.46 -17.69
CA HIS A 75 16.28 -20.13 -16.76
C HIS A 75 16.36 -18.63 -16.52
N ARG A 76 16.21 -17.87 -17.60
CA ARG A 76 16.23 -16.42 -17.53
C ARG A 76 15.06 -15.87 -16.72
N LYS A 77 13.85 -16.32 -17.02
CA LYS A 77 12.68 -15.97 -16.25
C LYS A 77 13.04 -15.96 -14.77
N ASN A 78 13.62 -17.08 -14.33
CA ASN A 78 14.01 -17.27 -12.94
C ASN A 78 15.08 -16.29 -12.44
N ARG A 79 16.07 -16.00 -13.28
CA ARG A 79 17.08 -15.04 -12.90
C ARG A 79 16.49 -13.64 -12.84
N ASP A 80 15.60 -13.35 -13.78
CA ASP A 80 14.85 -12.11 -13.76
C ASP A 80 14.12 -11.99 -12.43
N TYR A 81 13.42 -13.06 -12.07
CA TYR A 81 12.64 -13.11 -10.84
C TYR A 81 13.48 -12.87 -9.60
N GLN A 82 14.55 -13.65 -9.44
CA GLN A 82 15.44 -13.46 -8.30
C GLN A 82 16.02 -12.06 -8.33
N MSE A 83 16.46 -11.60 -9.51
CA MSE A 83 16.86 -10.21 -9.69
C MSE A 83 15.81 -9.23 -9.18
O MSE A 83 16.14 -8.26 -8.49
CB MSE A 83 17.14 -9.92 -11.16
CG MSE A 83 18.63 -9.92 -11.54
SE MSE A 83 19.72 -8.59 -10.57
CE MSE A 83 18.97 -6.93 -11.30
N LEU A 84 14.56 -9.44 -9.54
CA LEU A 84 13.48 -8.56 -9.10
C LEU A 84 13.33 -8.60 -7.59
N ILE A 85 13.42 -9.81 -7.04
CA ILE A 85 13.32 -10.03 -5.61
C ILE A 85 14.46 -9.35 -4.87
N SER A 86 15.58 -9.18 -5.55
CA SER A 86 16.76 -8.59 -4.94
C SER A 86 16.63 -7.08 -4.79
N LYS A 87 15.78 -6.48 -5.60
CA LYS A 87 15.64 -5.04 -5.58
C LYS A 87 14.45 -4.60 -4.73
N LEU A 88 13.97 -5.51 -3.88
CA LEU A 88 12.87 -5.22 -2.97
C LEU A 88 13.17 -4.01 -2.09
N THR A 89 12.15 -3.22 -1.81
CA THR A 89 12.28 -2.06 -0.95
C THR A 89 11.13 -2.08 0.04
N PRO A 90 11.14 -1.19 1.03
CA PRO A 90 10.04 -1.19 2.00
C PRO A 90 8.69 -0.72 1.42
N GLU A 91 8.71 -0.12 0.24
CA GLU A 91 7.45 0.28 -0.37
C GLU A 91 6.79 -0.96 -0.97
N ASP A 92 7.55 -2.04 -1.08
CA ASP A 92 7.04 -3.29 -1.62
C ASP A 92 6.34 -4.17 -0.59
N LEU A 93 6.14 -3.66 0.62
CA LEU A 93 5.51 -4.47 1.64
C LEU A 93 3.99 -4.51 1.41
N LEU A 94 3.42 -5.70 1.57
CA LEU A 94 2.01 -5.88 1.29
C LEU A 94 1.19 -4.97 2.19
N PRO A 95 0.05 -4.49 1.67
CA PRO A 95 -0.75 -3.56 2.45
C PRO A 95 -1.19 -4.22 3.75
N GLY A 96 -1.38 -3.41 4.78
CA GLY A 96 -1.85 -3.91 6.05
C GLY A 96 -0.79 -4.55 6.93
N ILE A 97 0.27 -5.05 6.32
CA ILE A 97 1.23 -5.88 7.05
C ILE A 97 2.01 -5.14 8.15
N GLY A 98 2.65 -4.03 7.77
CA GLY A 98 3.42 -3.21 8.67
C GLY A 98 2.64 -2.80 9.89
N ARG A 99 1.44 -2.24 9.66
CA ARG A 99 0.53 -1.87 10.74
C ARG A 99 0.18 -3.06 11.63
N LEU A 100 0.11 -4.25 11.04
CA LEU A 100 -0.24 -5.46 11.80
C LEU A 100 0.88 -5.84 12.75
N LEU A 101 2.09 -5.83 12.22
CA LEU A 101 3.30 -6.06 13.01
C LEU A 101 3.31 -5.11 14.20
N CYS A 102 3.16 -3.82 13.90
CA CYS A 102 3.06 -2.79 14.92
C CYS A 102 2.17 -3.23 16.08
N GLN A 103 0.93 -3.59 15.77
CA GLN A 103 -0.03 -3.96 16.80
C GLN A 103 0.48 -5.14 17.59
N LEU A 104 0.92 -6.17 16.90
CA LEU A 104 1.39 -7.38 17.56
C LEU A 104 2.55 -7.09 18.54
N LYS A 105 3.50 -6.28 18.09
CA LYS A 105 4.57 -5.81 18.97
C LYS A 105 3.99 -4.96 20.09
N ASN A 106 3.28 -3.89 19.73
CA ASN A 106 2.65 -3.01 20.70
C ASN A 106 1.90 -3.78 21.76
N GLU A 107 1.54 -5.01 21.42
CA GLU A 107 0.74 -5.85 22.31
C GLU A 107 1.55 -7.01 22.86
N ASN A 108 2.83 -7.06 22.49
CA ASN A 108 3.75 -8.10 22.97
C ASN A 108 3.37 -9.53 22.54
N ILE A 109 3.01 -9.69 21.27
CA ILE A 109 2.80 -11.00 20.67
C ILE A 109 4.04 -11.38 19.88
N LYS A 110 4.56 -12.58 20.15
CA LYS A 110 5.74 -13.03 19.44
C LYS A 110 5.44 -13.19 17.95
N ILE A 111 6.40 -12.77 17.12
CA ILE A 111 6.26 -12.81 15.67
C ILE A 111 7.30 -13.74 15.07
N GLY A 112 6.86 -14.64 14.20
CA GLY A 112 7.77 -15.61 13.59
C GLY A 112 7.61 -15.70 12.08
N LEU A 113 8.60 -16.32 11.44
CA LEU A 113 8.55 -16.54 10.01
C LEU A 113 8.78 -18.00 9.64
N ALA A 114 7.87 -18.56 8.85
CA ALA A 114 7.95 -19.96 8.42
C ALA A 114 8.02 -20.08 6.90
N SER A 115 9.10 -19.58 6.30
CA SER A 115 9.23 -19.62 4.85
C SER A 115 10.25 -20.65 4.42
N SER A 116 10.02 -21.23 3.25
CA SER A 116 10.93 -22.21 2.71
C SER A 116 12.13 -21.54 2.08
N SER A 117 12.00 -20.25 1.79
CA SER A 117 13.08 -19.51 1.15
C SER A 117 14.32 -19.39 2.03
N ARG A 118 15.48 -19.60 1.42
CA ARG A 118 16.76 -19.51 2.12
C ARG A 118 17.20 -18.06 2.23
N ASN A 119 16.54 -17.19 1.48
CA ASN A 119 16.88 -15.79 1.47
C ASN A 119 15.95 -14.92 2.31
N ALA A 120 15.14 -15.57 3.14
CA ALA A 120 14.14 -14.83 3.90
C ALA A 120 14.75 -13.70 4.74
N PRO A 121 15.76 -14.02 5.57
CA PRO A 121 16.34 -12.99 6.42
C PRO A 121 16.79 -11.80 5.57
N LYS A 122 17.43 -12.13 4.45
CA LYS A 122 17.86 -11.13 3.51
C LYS A 122 16.66 -10.28 3.12
N ILE A 123 15.58 -10.93 2.69
CA ILE A 123 14.37 -10.20 2.27
C ILE A 123 13.69 -9.40 3.38
N LEU A 124 13.51 -9.98 4.57
CA LEU A 124 12.87 -9.22 5.64
C LEU A 124 13.65 -7.96 5.90
N ARG A 125 14.96 -8.05 5.72
CA ARG A 125 15.83 -6.90 5.91
C ARG A 125 15.59 -5.88 4.79
N ARG A 126 15.51 -6.38 3.56
CA ARG A 126 15.30 -5.53 2.40
C ARG A 126 13.98 -4.76 2.55
N LEU A 127 13.11 -5.28 3.41
CA LEU A 127 11.75 -4.75 3.60
C LEU A 127 11.66 -3.93 4.88
N ALA A 128 12.73 -3.98 5.66
CA ALA A 128 12.84 -3.16 6.86
C ALA A 128 11.91 -3.61 7.97
N ILE A 129 11.68 -4.90 8.06
CA ILE A 129 10.77 -5.42 9.09
C ILE A 129 11.39 -6.59 9.85
N ILE A 130 12.63 -6.93 9.52
CA ILE A 130 13.29 -8.10 10.08
C ILE A 130 13.52 -7.97 11.58
N ASP A 131 13.53 -6.74 12.07
CA ASP A 131 13.74 -6.54 13.51
C ASP A 131 12.47 -6.94 14.27
N ASP A 132 11.38 -7.01 13.52
CA ASP A 132 10.06 -7.32 14.07
C ASP A 132 9.95 -8.78 14.38
N PHE A 133 10.65 -9.60 13.59
CA PHE A 133 10.63 -11.03 13.79
C PHE A 133 11.59 -11.43 14.88
N HIS A 134 11.14 -12.33 15.76
CA HIS A 134 11.99 -12.83 16.82
C HIS A 134 12.34 -14.30 16.60
N ALA A 135 11.88 -14.83 15.47
CA ALA A 135 12.20 -16.19 15.09
C ALA A 135 12.02 -16.34 13.58
N ILE A 136 13.06 -16.83 12.93
CA ILE A 136 12.98 -17.17 11.52
C ILE A 136 13.48 -18.59 11.38
N VAL A 137 12.65 -19.44 10.80
CA VAL A 137 13.01 -20.85 10.64
C VAL A 137 13.84 -21.00 9.39
N ASP A 138 14.91 -21.80 9.50
CA ASP A 138 15.72 -22.20 8.35
C ASP A 138 15.13 -23.45 7.70
N PRO A 139 14.97 -23.40 6.38
CA PRO A 139 14.38 -24.44 5.54
C PRO A 139 14.97 -25.82 5.84
N PRO A 149 3.71 -30.08 7.01
CA PRO A 149 4.81 -30.49 7.89
C PRO A 149 4.72 -29.96 9.31
N ASP A 150 5.79 -29.27 9.70
CA ASP A 150 6.03 -28.88 11.07
C ASP A 150 7.27 -27.98 11.10
N ILE A 151 7.54 -27.36 9.96
CA ILE A 151 8.41 -26.21 9.95
C ILE A 151 7.76 -25.19 10.86
N PHE A 152 6.47 -25.37 11.09
CA PHE A 152 5.72 -24.51 11.98
C PHE A 152 5.96 -24.87 13.44
N LEU A 153 6.04 -26.16 13.73
CA LEU A 153 6.29 -26.60 15.12
C LEU A 153 7.65 -26.14 15.60
N THR A 154 8.55 -26.00 14.65
CA THR A 154 9.87 -25.47 14.94
C THR A 154 9.76 -24.00 15.32
N ALA A 155 8.98 -23.26 14.54
CA ALA A 155 8.81 -21.83 14.76
C ALA A 155 8.31 -21.55 16.16
N ALA A 156 7.41 -22.40 16.64
CA ALA A 156 6.81 -22.28 17.97
C ALA A 156 7.82 -22.66 19.06
N ALA A 157 8.67 -23.63 18.74
CA ALA A 157 9.72 -24.02 19.66
C ALA A 157 10.64 -22.81 19.87
N MSE A 158 11.02 -22.19 18.77
CA MSE A 158 11.89 -21.04 18.81
C MSE A 158 11.26 -19.86 19.57
O MSE A 158 11.97 -19.08 20.22
CB MSE A 158 12.26 -20.61 17.39
CG MSE A 158 12.72 -21.73 16.49
SE MSE A 158 13.31 -21.09 14.73
CE MSE A 158 14.75 -19.90 15.33
N LEU A 159 9.94 -19.72 19.48
CA LEU A 159 9.25 -18.61 20.13
C LEU A 159 8.89 -18.96 21.57
N ASP A 160 9.11 -20.22 21.92
CA ASP A 160 8.89 -20.65 23.29
C ASP A 160 7.41 -20.57 23.65
N VAL A 161 6.57 -21.08 22.75
CA VAL A 161 5.12 -21.06 22.93
C VAL A 161 4.47 -22.29 22.31
N SER A 162 3.35 -22.72 22.88
CA SER A 162 2.57 -23.82 22.31
C SER A 162 1.99 -23.49 20.91
N PRO A 163 1.87 -24.52 20.05
CA PRO A 163 1.24 -24.38 18.74
C PRO A 163 -0.22 -24.00 18.87
N ALA A 164 -0.84 -24.52 19.93
CA ALA A 164 -2.25 -24.23 20.21
C ALA A 164 -2.48 -22.74 20.41
N ASP A 165 -1.42 -22.03 20.77
CA ASP A 165 -1.56 -20.62 21.05
C ASP A 165 -1.01 -19.72 19.95
N CYS A 166 -0.79 -20.30 18.77
CA CYS A 166 -0.32 -19.52 17.63
C CYS A 166 -1.27 -19.56 16.44
N ALA A 167 -1.30 -18.43 15.73
CA ALA A 167 -1.91 -18.34 14.40
C ALA A 167 -0.80 -18.29 13.37
N ALA A 168 -1.02 -18.92 12.22
CA ALA A 168 -0.07 -18.79 11.13
C ALA A 168 -0.83 -18.28 9.93
N ILE A 169 -0.25 -17.30 9.24
CA ILE A 169 -0.89 -16.72 8.09
C ILE A 169 -0.22 -17.22 6.83
N GLU A 170 -1.03 -17.53 5.83
CA GLU A 170 -0.56 -18.27 4.67
C GLU A 170 -1.46 -18.08 3.46
N ASP A 171 -0.93 -18.35 2.27
CA ASP A 171 -1.72 -18.19 1.06
C ASP A 171 -1.70 -19.46 0.21
N ALA A 172 -0.92 -20.45 0.61
CA ALA A 172 -0.77 -21.67 -0.18
C ALA A 172 -1.53 -22.89 0.39
N GLU A 173 -2.35 -23.49 -0.45
CA GLU A 173 -2.99 -24.77 -0.16
C GLU A 173 -2.18 -25.61 0.82
N ALA A 174 -0.96 -25.94 0.41
CA ALA A 174 -0.09 -26.80 1.21
C ALA A 174 0.19 -26.20 2.57
N GLY A 175 0.72 -24.97 2.59
CA GLY A 175 1.04 -24.31 3.84
C GLY A 175 -0.08 -24.41 4.87
N ILE A 176 -1.32 -24.31 4.40
CA ILE A 176 -2.49 -24.34 5.28
C ILE A 176 -2.72 -25.73 5.86
N SER A 177 -2.47 -26.74 5.03
CA SER A 177 -2.43 -28.13 5.48
C SER A 177 -1.40 -28.29 6.60
N ALA A 178 -0.19 -27.80 6.35
CA ALA A 178 0.91 -27.84 7.30
C ALA A 178 0.57 -27.16 8.62
N ILE A 179 0.00 -25.96 8.54
CA ILE A 179 -0.34 -25.21 9.73
C ILE A 179 -1.35 -25.98 10.54
N LYS A 180 -2.32 -26.55 9.83
CA LYS A 180 -3.41 -27.25 10.48
C LYS A 180 -2.86 -28.52 11.12
N SER A 181 -2.18 -29.33 10.31
CA SER A 181 -1.57 -30.55 10.82
C SER A 181 -0.71 -30.21 12.04
N ALA A 182 -0.06 -29.06 11.98
CA ALA A 182 0.78 -28.56 13.05
C ALA A 182 -0.05 -28.05 14.21
N GLY A 183 -1.36 -28.30 14.17
CA GLY A 183 -2.23 -27.97 15.28
C GLY A 183 -2.39 -26.51 15.60
N MSE A 184 -2.29 -25.64 14.59
CA MSE A 184 -2.47 -24.22 14.84
C MSE A 184 -3.68 -23.65 14.13
O MSE A 184 -4.17 -24.21 13.14
CB MSE A 184 -1.24 -23.40 14.46
CG MSE A 184 0.04 -24.18 14.52
SE MSE A 184 1.56 -23.03 14.14
CE MSE A 184 2.06 -22.60 15.97
N PHE A 185 -4.14 -22.52 14.63
CA PHE A 185 -5.14 -21.73 13.96
C PHE A 185 -4.55 -21.22 12.65
N ALA A 186 -5.15 -21.61 11.53
CA ALA A 186 -4.60 -21.26 10.22
C ALA A 186 -5.38 -20.15 9.52
N VAL A 187 -4.70 -19.05 9.21
CA VAL A 187 -5.30 -17.95 8.45
C VAL A 187 -4.89 -18.04 6.99
N GLY A 188 -5.88 -18.08 6.09
CA GLY A 188 -5.61 -18.11 4.66
C GLY A 188 -5.80 -16.74 4.05
N VAL A 189 -5.09 -16.43 2.98
CA VAL A 189 -5.26 -15.16 2.30
C VAL A 189 -5.13 -15.20 0.77
N GLY A 197 -9.78 -24.21 2.72
CA GLY A 197 -9.75 -25.19 3.79
C GLY A 197 -8.96 -24.71 5.01
N ALA A 198 -9.25 -23.48 5.42
CA ALA A 198 -8.54 -22.85 6.54
C ALA A 198 -9.53 -22.33 7.58
N ASP A 199 -9.04 -22.03 8.76
CA ASP A 199 -9.90 -21.66 9.88
C ASP A 199 -10.46 -20.24 9.79
N LEU A 200 -9.80 -19.38 9.02
CA LEU A 200 -10.26 -18.01 8.81
C LEU A 200 -9.65 -17.51 7.51
N VAL A 201 -10.45 -16.87 6.68
CA VAL A 201 -9.96 -16.51 5.34
C VAL A 201 -10.23 -15.08 4.96
N VAL A 202 -9.17 -14.38 4.56
CA VAL A 202 -9.31 -13.00 4.11
C VAL A 202 -8.96 -12.87 2.63
N ARG A 203 -9.61 -11.89 1.99
CA ARG A 203 -9.46 -11.64 0.57
C ARG A 203 -8.04 -11.15 0.25
N GLN A 204 -7.65 -10.04 0.88
CA GLN A 204 -6.34 -9.43 0.65
C GLN A 204 -5.68 -9.10 2.00
N THR A 205 -4.36 -8.95 1.99
CA THR A 205 -3.60 -8.78 3.24
C THR A 205 -4.10 -7.61 4.07
N SER A 206 -4.62 -6.57 3.41
CA SER A 206 -5.07 -5.41 4.15
C SER A 206 -6.18 -5.78 5.11
N ASP A 207 -6.78 -6.95 4.91
CA ASP A 207 -7.96 -7.32 5.68
C ASP A 207 -7.56 -7.85 7.03
N LEU A 208 -6.26 -8.05 7.20
CA LEU A 208 -5.68 -8.59 8.43
C LEU A 208 -5.45 -7.52 9.47
N THR A 209 -6.35 -7.45 10.44
CA THR A 209 -6.14 -6.62 11.61
C THR A 209 -5.93 -7.52 12.83
N LEU A 210 -5.35 -6.94 13.86
CA LEU A 210 -5.06 -7.71 15.04
C LEU A 210 -6.40 -8.01 15.64
N GLU A 211 -7.31 -7.07 15.42
CA GLU A 211 -8.65 -7.14 15.99
C GLU A 211 -9.42 -8.32 15.40
N LEU A 212 -9.39 -8.47 14.08
CA LEU A 212 -10.07 -9.60 13.45
C LEU A 212 -9.44 -10.90 13.91
N LEU A 213 -8.12 -10.87 13.97
CA LEU A 213 -7.33 -12.02 14.38
C LEU A 213 -7.75 -12.48 15.78
N HIS A 214 -7.85 -11.52 16.70
CA HIS A 214 -8.24 -11.85 18.06
C HIS A 214 -9.59 -12.55 18.05
N GLU A 215 -10.60 -11.81 17.62
CA GLU A 215 -11.97 -12.27 17.59
C GLU A 215 -12.10 -13.65 16.97
N GLU A 216 -11.70 -13.78 15.70
CA GLU A 216 -11.82 -15.06 15.04
C GLU A 216 -11.04 -16.14 15.77
N TRP A 217 -9.87 -15.79 16.31
CA TRP A 217 -9.09 -16.80 17.01
C TRP A 217 -9.79 -17.22 18.28
N GLU A 218 -10.48 -16.27 18.90
CA GLU A 218 -11.22 -16.57 20.12
C GLU A 218 -12.29 -17.62 19.79
N GLN A 219 -13.11 -17.33 18.80
CA GLN A 219 -14.10 -18.30 18.32
C GLN A 219 -13.45 -19.65 17.97
N TYR A 220 -12.42 -19.64 17.12
CA TYR A 220 -11.75 -20.89 16.73
C TYR A 220 -11.59 -21.90 17.87
N ARG A 221 -10.95 -21.46 18.96
CA ARG A 221 -10.56 -22.32 20.05
C ARG A 221 -11.77 -22.85 20.82
N ILE A 222 -12.84 -22.09 20.88
CA ILE A 222 -14.10 -22.53 21.46
C ILE A 222 -14.64 -23.74 20.71
N ARG A 223 -14.70 -23.62 19.39
CA ARG A 223 -15.23 -24.70 18.56
C ARG A 223 -14.37 -25.95 18.67
N GLU A 224 -13.61 -26.04 19.75
CA GLU A 224 -12.83 -27.24 20.07
C GLU A 224 -12.74 -27.44 21.58
N ALA B 4 0.55 17.05 17.20
CA ALA B 4 1.89 16.48 17.25
C ALA B 4 2.40 16.21 15.83
N VAL B 5 1.55 15.60 15.01
CA VAL B 5 1.83 15.37 13.59
C VAL B 5 0.57 15.52 12.71
N ILE B 6 0.72 16.18 11.57
CA ILE B 6 -0.41 16.56 10.72
C ILE B 6 -0.22 16.13 9.27
N PHE B 7 -1.31 15.76 8.61
CA PHE B 7 -1.25 15.30 7.24
C PHE B 7 -2.22 16.04 6.34
N ASP B 8 -1.74 16.41 5.15
CA ASP B 8 -2.61 16.64 4.02
C ASP B 8 -3.03 15.24 3.61
N LEU B 9 -4.07 15.13 2.81
CA LEU B 9 -4.58 13.83 2.44
C LEU B 9 -3.89 13.31 1.19
N ASP B 10 -4.21 13.94 0.05
CA ASP B 10 -3.75 13.45 -1.23
C ASP B 10 -2.24 13.54 -1.41
N GLY B 11 -1.64 12.43 -1.81
CA GLY B 11 -0.20 12.35 -1.99
C GLY B 11 0.56 11.90 -0.75
N VAL B 12 -0.11 11.96 0.40
CA VAL B 12 0.50 11.61 1.68
C VAL B 12 -0.11 10.36 2.29
N ILE B 13 -1.41 10.42 2.59
CA ILE B 13 -2.15 9.28 3.16
C ILE B 13 -2.71 8.38 2.08
N THR B 14 -3.16 8.99 0.98
CA THR B 14 -3.67 8.23 -0.14
C THR B 14 -3.62 9.04 -1.43
N ASP B 15 -3.81 8.35 -2.56
CA ASP B 15 -3.89 9.00 -3.87
C ASP B 15 -5.29 8.89 -4.52
N THR B 16 -5.97 10.02 -4.58
CA THR B 16 -7.31 10.09 -5.14
C THR B 16 -7.31 10.57 -6.59
N ALA B 17 -6.12 10.79 -7.15
CA ALA B 17 -5.99 11.28 -8.53
C ALA B 17 -6.98 10.67 -9.52
N GLU B 18 -6.95 9.35 -9.63
CA GLU B 18 -7.84 8.60 -10.53
C GLU B 18 -9.30 9.05 -10.43
N TYR B 19 -9.75 9.27 -9.21
CA TYR B 19 -11.13 9.67 -8.98
C TYR B 19 -11.42 11.08 -9.48
N HIS B 20 -10.58 12.03 -9.09
CA HIS B 20 -10.66 13.37 -9.66
C HIS B 20 -10.70 13.32 -11.18
N PHE B 21 -9.85 12.49 -11.78
CA PHE B 21 -9.84 12.33 -13.23
C PHE B 21 -11.22 11.89 -13.75
N LEU B 22 -11.62 10.69 -13.34
CA LEU B 22 -12.92 10.14 -13.73
C LEU B 22 -14.00 11.21 -13.59
N ALA B 23 -14.03 11.84 -12.42
CA ALA B 23 -15.04 12.83 -12.11
C ALA B 23 -15.19 13.85 -13.23
N TRP B 24 -14.07 14.44 -13.66
CA TRP B 24 -14.08 15.42 -14.75
C TRP B 24 -14.51 14.78 -16.06
N LYS B 25 -13.97 13.61 -16.34
CA LYS B 25 -14.26 12.90 -17.58
C LYS B 25 -15.76 12.62 -17.78
N HIS B 26 -16.48 12.38 -16.69
CA HIS B 26 -17.93 12.22 -16.77
C HIS B 26 -18.61 13.53 -17.16
N ILE B 27 -18.03 14.64 -16.72
CA ILE B 27 -18.55 15.95 -17.07
C ILE B 27 -18.27 16.25 -18.54
N ALA B 28 -17.02 16.09 -18.92
CA ALA B 28 -16.60 16.23 -20.31
C ALA B 28 -17.54 15.48 -21.23
N GLU B 29 -17.86 14.25 -20.84
CA GLU B 29 -18.74 13.40 -21.61
C GLU B 29 -20.15 14.01 -21.66
N GLN B 30 -20.66 14.44 -20.50
CA GLN B 30 -21.97 15.09 -20.44
C GLN B 30 -22.05 16.32 -21.35
N ILE B 31 -20.94 17.03 -21.50
CA ILE B 31 -20.90 18.17 -22.41
C ILE B 31 -20.52 17.72 -23.81
N ASP B 32 -20.02 16.50 -23.91
CA ASP B 32 -19.56 16.00 -25.19
C ASP B 32 -18.40 16.82 -25.69
N ILE B 33 -17.37 16.93 -24.86
CA ILE B 33 -16.15 17.57 -25.30
C ILE B 33 -15.01 16.62 -25.04
N PRO B 34 -14.11 16.48 -26.02
CA PRO B 34 -12.89 15.68 -25.88
C PRO B 34 -12.13 15.93 -24.57
N PHE B 35 -11.84 14.84 -23.85
CA PHE B 35 -11.10 14.93 -22.61
C PHE B 35 -10.23 13.68 -22.41
N ASP B 36 -8.98 13.91 -22.05
CA ASP B 36 -8.02 12.83 -21.87
C ASP B 36 -7.06 13.15 -20.73
N ARG B 37 -6.34 12.13 -20.30
CA ARG B 37 -5.51 12.23 -19.13
C ARG B 37 -4.42 13.28 -19.31
N ASP B 38 -4.06 13.53 -20.56
CA ASP B 38 -3.06 14.54 -20.87
C ASP B 38 -3.57 15.90 -20.43
N MSE B 39 -4.79 16.24 -20.85
CA MSE B 39 -5.44 17.47 -20.42
C MSE B 39 -5.54 17.52 -18.91
O MSE B 39 -5.10 18.48 -18.28
CB MSE B 39 -6.84 17.55 -21.00
CG MSE B 39 -6.92 17.03 -22.40
SE MSE B 39 -8.40 17.82 -23.38
CE MSE B 39 -8.16 19.68 -22.77
N ASN B 40 -6.16 16.49 -18.34
CA ASN B 40 -6.28 16.37 -16.90
C ASN B 40 -5.01 16.87 -16.22
N GLU B 41 -3.87 16.31 -16.59
CA GLU B 41 -2.60 16.72 -16.04
C GLU B 41 -2.37 18.22 -16.28
N ARG B 42 -2.48 18.66 -17.53
CA ARG B 42 -2.23 20.07 -17.87
C ARG B 42 -3.08 21.02 -17.03
N LEU B 43 -4.36 20.68 -16.87
CA LEU B 43 -5.27 21.46 -16.05
C LEU B 43 -5.03 21.22 -14.54
N LYS B 44 -3.80 20.87 -14.19
CA LYS B 44 -3.40 20.82 -12.79
C LYS B 44 -2.69 22.12 -12.42
N GLU B 49 -12.62 26.08 -11.45
CA GLU B 49 -13.39 26.75 -12.50
C GLU B 49 -12.58 27.10 -13.74
N GLU B 50 -11.39 27.66 -13.55
CA GLU B 50 -10.56 27.96 -14.70
C GLU B 50 -10.59 26.72 -15.58
N SER B 51 -10.43 25.58 -14.92
CA SER B 51 -10.39 24.27 -15.55
C SER B 51 -11.59 24.02 -16.46
N LEU B 52 -12.79 24.13 -15.90
CA LEU B 52 -14.00 23.95 -16.69
C LEU B 52 -13.99 24.80 -17.99
N GLU B 53 -13.76 26.11 -17.85
CA GLU B 53 -13.63 26.99 -19.00
C GLU B 53 -12.68 26.41 -20.02
N SER B 54 -11.55 25.91 -19.54
CA SER B 54 -10.52 25.34 -20.40
C SER B 54 -11.07 24.24 -21.29
N ILE B 55 -11.67 23.24 -20.68
CA ILE B 55 -12.26 22.16 -21.45
C ILE B 55 -13.31 22.72 -22.39
N LEU B 56 -14.08 23.69 -21.89
CA LEU B 56 -15.14 24.31 -22.69
C LEU B 56 -14.58 25.10 -23.86
N ILE B 57 -13.61 25.95 -23.56
CA ILE B 57 -12.93 26.75 -24.57
C ILE B 57 -12.29 25.82 -25.58
N PHE B 58 -11.57 24.84 -25.05
CA PHE B 58 -10.96 23.80 -25.87
C PHE B 58 -12.01 23.08 -26.67
N GLY B 59 -13.11 22.71 -26.01
CA GLY B 59 -14.17 21.97 -26.65
C GLY B 59 -14.91 22.79 -27.67
N GLY B 60 -14.64 24.09 -27.70
CA GLY B 60 -15.29 24.99 -28.63
C GLY B 60 -16.71 25.37 -28.21
N ALA B 61 -17.02 25.12 -26.94
CA ALA B 61 -18.35 25.45 -26.41
C ALA B 61 -18.24 26.50 -25.32
N GLU B 62 -17.54 27.59 -25.64
CA GLU B 62 -17.24 28.58 -24.61
C GLU B 62 -18.47 29.45 -24.34
N THR B 63 -19.44 29.37 -25.23
CA THR B 63 -20.63 30.20 -25.10
C THR B 63 -21.84 29.38 -24.66
N LYS B 64 -21.68 28.06 -24.70
CA LYS B 64 -22.78 27.12 -24.51
C LYS B 64 -23.46 27.24 -23.16
N TYR B 65 -22.69 27.48 -22.11
CA TYR B 65 -23.24 27.43 -20.77
C TYR B 65 -23.20 28.75 -20.04
N THR B 66 -24.30 29.06 -19.38
CA THR B 66 -24.39 30.15 -18.42
C THR B 66 -23.35 29.96 -17.33
N ASN B 67 -23.41 30.81 -16.32
CA ASN B 67 -22.59 30.65 -15.13
C ASN B 67 -23.30 29.82 -14.06
N ALA B 68 -24.59 30.03 -13.89
CA ALA B 68 -25.32 29.26 -12.88
C ALA B 68 -25.48 27.79 -13.33
N GLU B 69 -25.62 27.59 -14.63
CA GLU B 69 -25.66 26.25 -15.18
C GLU B 69 -24.30 25.65 -15.00
N LYS B 70 -23.30 26.42 -15.39
CA LYS B 70 -21.91 26.08 -15.21
C LYS B 70 -21.64 25.67 -13.75
N GLN B 71 -22.27 26.38 -12.82
CA GLN B 71 -22.11 26.07 -11.41
C GLN B 71 -22.68 24.70 -11.06
N GLU B 72 -23.81 24.37 -11.66
CA GLU B 72 -24.43 23.06 -11.41
C GLU B 72 -23.62 21.94 -12.06
N LEU B 73 -22.98 22.26 -13.17
CA LEU B 73 -22.10 21.31 -13.85
C LEU B 73 -20.98 20.93 -12.87
N MSE B 74 -20.70 21.83 -11.94
CA MSE B 74 -19.69 21.60 -10.93
C MSE B 74 -20.26 20.89 -9.73
O MSE B 74 -19.61 20.05 -9.13
CB MSE B 74 -19.06 22.93 -10.49
CG MSE B 74 -18.11 23.51 -11.51
SE MSE B 74 -16.85 22.17 -12.17
CE MSE B 74 -15.46 22.32 -10.79
N HIS B 75 -21.48 21.24 -9.37
CA HIS B 75 -22.12 20.61 -8.24
C HIS B 75 -22.31 19.11 -8.53
N ARG B 76 -22.75 18.80 -9.75
CA ARG B 76 -22.90 17.41 -10.17
C ARG B 76 -21.57 16.66 -10.07
N LYS B 77 -20.47 17.39 -10.25
CA LYS B 77 -19.15 16.77 -10.25
C LYS B 77 -18.69 16.43 -8.84
N ASN B 78 -18.90 17.34 -7.91
CA ASN B 78 -18.49 17.09 -6.54
C ASN B 78 -19.26 15.89 -6.02
N ARG B 79 -20.46 15.75 -6.55
CA ARG B 79 -21.39 14.72 -6.17
C ARG B 79 -20.94 13.37 -6.72
N ASP B 80 -20.56 13.37 -8.00
CA ASP B 80 -20.03 12.17 -8.63
C ASP B 80 -18.77 11.71 -7.92
N TYR B 81 -17.81 12.61 -7.81
CA TYR B 81 -16.59 12.31 -7.07
C TYR B 81 -16.95 11.69 -5.73
N GLN B 82 -17.79 12.38 -4.95
CA GLN B 82 -18.10 11.97 -3.59
C GLN B 82 -18.61 10.54 -3.54
N MSE B 83 -18.98 10.03 -4.71
CA MSE B 83 -19.50 8.68 -4.83
C MSE B 83 -18.41 7.68 -5.13
O MSE B 83 -18.34 6.64 -4.50
CB MSE B 83 -20.54 8.63 -5.94
CG MSE B 83 -21.88 9.21 -5.55
SE MSE B 83 -22.48 8.44 -3.84
CE MSE B 83 -22.25 6.55 -4.31
N LEU B 84 -17.58 8.02 -6.11
CA LEU B 84 -16.55 7.11 -6.61
C LEU B 84 -15.60 6.76 -5.49
N ILE B 85 -15.38 7.70 -4.58
CA ILE B 85 -14.41 7.44 -3.53
C ILE B 85 -14.96 6.41 -2.55
N SER B 86 -16.19 5.98 -2.80
CA SER B 86 -16.74 4.83 -2.11
C SER B 86 -15.84 3.64 -2.40
N LYS B 87 -15.29 3.61 -3.61
CA LYS B 87 -14.43 2.52 -4.05
C LYS B 87 -13.09 2.45 -3.29
N LEU B 88 -12.94 3.31 -2.30
CA LEU B 88 -11.76 3.28 -1.46
C LEU B 88 -11.77 2.16 -0.40
N THR B 89 -10.71 1.37 -0.38
CA THR B 89 -10.48 0.39 0.67
C THR B 89 -9.16 0.69 1.38
N PRO B 90 -8.92 0.01 2.50
CA PRO B 90 -7.64 0.26 3.18
C PRO B 90 -6.48 -0.11 2.27
N GLU B 91 -6.75 -0.83 1.20
CA GLU B 91 -5.69 -1.19 0.27
C GLU B 91 -5.12 0.04 -0.46
N ASP B 92 -5.81 1.19 -0.31
CA ASP B 92 -5.41 2.41 -0.98
C ASP B 92 -4.68 3.35 -0.07
N LEU B 93 -4.38 2.86 1.12
CA LEU B 93 -3.51 3.51 2.05
C LEU B 93 -2.09 3.45 1.48
N LEU B 94 -1.32 4.51 1.67
CA LEU B 94 0.05 4.58 1.20
C LEU B 94 1.05 3.84 2.13
N PRO B 95 2.09 3.24 1.53
CA PRO B 95 3.10 2.38 2.17
C PRO B 95 3.39 2.61 3.66
N GLY B 96 4.16 3.61 4.02
CA GLY B 96 4.57 3.71 5.41
C GLY B 96 3.43 4.04 6.35
N ILE B 97 2.36 4.56 5.75
CA ILE B 97 1.33 5.28 6.48
C ILE B 97 0.69 4.49 7.63
N GLY B 98 -0.03 3.42 7.29
CA GLY B 98 -0.74 2.63 8.26
C GLY B 98 0.08 2.34 9.50
N ARG B 99 1.30 1.84 9.29
CA ARG B 99 2.20 1.54 10.40
C ARG B 99 2.58 2.82 11.15
N LEU B 100 3.01 3.82 10.39
CA LEU B 100 3.43 5.10 10.95
C LEU B 100 2.38 5.57 11.94
N LEU B 101 1.14 5.28 11.56
CA LEU B 101 -0.04 5.69 12.28
C LEU B 101 -0.29 4.90 13.56
N CYS B 102 -0.13 3.59 13.47
CA CYS B 102 -0.24 2.73 14.62
C CYS B 102 0.86 3.05 15.65
N GLN B 103 1.96 3.61 15.19
CA GLN B 103 3.05 3.96 16.08
C GLN B 103 2.79 5.29 16.79
N LEU B 104 2.51 6.32 16.00
CA LEU B 104 2.15 7.62 16.55
C LEU B 104 1.10 7.43 17.63
N LYS B 105 0.16 6.52 17.39
CA LYS B 105 -0.90 6.20 18.36
C LYS B 105 -0.31 5.60 19.61
N ASN B 106 0.52 4.58 19.43
CA ASN B 106 1.11 3.86 20.55
C ASN B 106 1.85 4.80 21.50
N GLU B 107 2.44 5.85 20.93
CA GLU B 107 3.19 6.83 21.70
C GLU B 107 2.39 8.12 21.87
N ASN B 108 1.07 8.00 21.86
CA ASN B 108 0.15 9.11 22.06
C ASN B 108 0.59 10.45 21.47
N ILE B 109 1.38 10.36 20.41
CA ILE B 109 1.57 11.50 19.54
C ILE B 109 0.23 11.73 18.86
N LYS B 110 -0.13 12.99 18.66
CA LYS B 110 -1.46 13.29 18.13
C LYS B 110 -1.49 13.42 16.60
N ILE B 111 -2.62 12.96 16.03
CA ILE B 111 -2.77 12.75 14.59
C ILE B 111 -3.79 13.70 13.98
N GLY B 112 -3.36 14.44 12.97
CA GLY B 112 -4.23 15.46 12.42
C GLY B 112 -4.33 15.50 10.91
N LEU B 113 -5.52 15.83 10.43
CA LEU B 113 -5.72 16.04 9.02
C LEU B 113 -6.04 17.51 8.72
N ALA B 114 -5.10 18.15 8.05
CA ALA B 114 -5.33 19.44 7.47
C ALA B 114 -5.32 19.24 5.96
N SER B 115 -6.48 18.89 5.40
CA SER B 115 -6.59 18.76 3.96
C SER B 115 -7.64 19.70 3.37
N SER B 116 -7.44 20.06 2.10
CA SER B 116 -8.39 20.85 1.34
C SER B 116 -9.62 20.01 0.98
N SER B 117 -9.39 18.72 0.79
CA SER B 117 -10.46 17.76 0.49
C SER B 117 -11.72 18.08 1.26
N ARG B 118 -12.85 18.04 0.57
CA ARG B 118 -14.13 18.29 1.20
C ARG B 118 -14.74 16.97 1.68
N ASN B 119 -14.19 15.86 1.21
CA ASN B 119 -14.75 14.54 1.54
C ASN B 119 -13.91 13.71 2.49
N ALA B 120 -12.84 14.30 2.99
CA ALA B 120 -11.88 13.59 3.85
C ALA B 120 -12.51 12.64 4.88
N PRO B 121 -13.54 13.10 5.61
CA PRO B 121 -14.07 12.22 6.64
C PRO B 121 -14.52 10.87 6.06
N LYS B 122 -15.17 10.89 4.90
CA LYS B 122 -15.61 9.65 4.26
C LYS B 122 -14.40 8.88 3.76
N ILE B 123 -13.46 9.60 3.17
CA ILE B 123 -12.17 9.05 2.77
C ILE B 123 -11.44 8.36 3.92
N LEU B 124 -11.29 9.04 5.04
CA LEU B 124 -10.61 8.44 6.17
C LEU B 124 -11.33 7.20 6.65
N ARG B 125 -12.66 7.20 6.54
CA ARG B 125 -13.41 6.06 7.03
C ARG B 125 -13.28 4.85 6.09
N ARG B 126 -13.20 5.09 4.79
CA ARG B 126 -13.03 3.99 3.84
C ARG B 126 -11.68 3.32 4.04
N LEU B 127 -10.68 4.14 4.40
CA LEU B 127 -9.31 3.70 4.65
C LEU B 127 -9.19 2.95 5.95
N ALA B 128 -10.19 3.10 6.82
CA ALA B 128 -10.28 2.35 8.08
C ALA B 128 -9.38 2.91 9.17
N ILE B 129 -8.87 4.11 8.94
CA ILE B 129 -7.92 4.73 9.84
C ILE B 129 -8.57 5.90 10.54
N ILE B 130 -9.80 6.23 10.16
CA ILE B 130 -10.40 7.49 10.58
C ILE B 130 -10.43 7.64 12.08
N ASP B 131 -10.40 6.53 12.80
CA ASP B 131 -10.42 6.63 14.26
C ASP B 131 -9.07 7.10 14.81
N ASP B 132 -8.03 6.86 14.05
CA ASP B 132 -6.67 7.22 14.44
C ASP B 132 -6.45 8.74 14.42
N PHE B 133 -7.43 9.48 13.93
CA PHE B 133 -7.29 10.92 13.94
C PHE B 133 -8.03 11.54 15.10
N HIS B 134 -7.72 12.81 15.37
CA HIS B 134 -8.46 13.54 16.38
C HIS B 134 -8.79 14.96 15.95
N ALA B 135 -8.10 15.44 14.93
CA ALA B 135 -8.44 16.73 14.34
C ALA B 135 -8.56 16.63 12.83
N ILE B 136 -9.80 16.62 12.33
CA ILE B 136 -10.03 16.74 10.89
C ILE B 136 -10.46 18.16 10.56
N VAL B 137 -9.68 18.84 9.73
CA VAL B 137 -10.04 20.20 9.31
C VAL B 137 -11.18 20.16 8.28
N ASP B 138 -12.01 21.20 8.30
CA ASP B 138 -13.36 21.14 7.73
C ASP B 138 -13.60 21.96 6.46
N PRO B 139 -12.66 22.83 6.10
CA PRO B 139 -12.65 23.35 4.73
C PRO B 139 -11.41 22.88 3.97
N PRO B 149 -2.13 28.88 4.72
CA PRO B 149 -1.29 28.55 5.88
C PRO B 149 -2.06 28.60 7.19
N ASP B 150 -3.32 29.03 7.10
CA ASP B 150 -4.23 29.00 8.23
C ASP B 150 -4.57 27.57 8.60
N ILE B 151 -4.86 26.78 7.58
CA ILE B 151 -5.38 25.41 7.71
C ILE B 151 -4.68 24.52 8.75
N PHE B 152 -3.37 24.31 8.59
CA PHE B 152 -2.60 23.43 9.49
C PHE B 152 -2.51 23.99 10.91
N LEU B 153 -2.69 25.30 11.02
CA LEU B 153 -2.87 25.97 12.31
C LEU B 153 -4.21 25.57 12.91
N THR B 154 -5.27 25.86 12.16
CA THR B 154 -6.59 25.43 12.54
C THR B 154 -6.52 24.01 13.04
N ALA B 155 -5.72 23.20 12.35
CA ALA B 155 -5.51 21.80 12.72
C ALA B 155 -4.82 21.71 14.07
N ALA B 156 -3.75 22.47 14.22
CA ALA B 156 -3.02 22.51 15.48
C ALA B 156 -3.94 22.98 16.59
N ALA B 157 -4.72 24.01 16.28
CA ALA B 157 -5.73 24.53 17.20
C ALA B 157 -6.66 23.41 17.66
N MSE B 158 -7.03 22.56 16.72
CA MSE B 158 -7.87 21.40 17.03
C MSE B 158 -7.12 20.35 17.86
O MSE B 158 -6.17 20.67 18.60
CB MSE B 158 -8.43 20.79 15.73
CG MSE B 158 -9.13 21.80 14.80
SE MSE B 158 -10.08 21.03 13.25
CE MSE B 158 -11.30 19.84 14.23
N PRO B 163 1.97 23.00 19.80
CA PRO B 163 1.63 23.57 18.48
C PRO B 163 2.84 24.05 17.66
N ALA B 164 4.03 23.96 18.25
CA ALA B 164 5.25 24.02 17.46
C ALA B 164 6.04 22.75 17.78
N ASP B 165 5.58 22.03 18.80
CA ASP B 165 5.91 20.62 18.95
C ASP B 165 4.99 19.91 17.95
N CYS B 166 5.19 20.23 16.68
CA CYS B 166 4.30 19.80 15.62
C CYS B 166 5.04 19.34 14.37
N ALA B 167 4.55 18.24 13.79
CA ALA B 167 5.03 17.75 12.52
C ALA B 167 3.86 17.75 11.55
N ALA B 168 4.15 18.01 10.28
CA ALA B 168 3.16 17.93 9.21
C ALA B 168 3.86 17.46 7.94
N ILE B 169 3.10 16.80 7.08
CA ILE B 169 3.68 16.20 5.88
C ILE B 169 2.89 16.59 4.64
N GLU B 170 3.62 16.92 3.57
CA GLU B 170 3.00 17.31 2.30
C GLU B 170 3.77 16.72 1.11
N ASP B 171 3.18 16.85 -0.08
CA ASP B 171 3.85 16.40 -1.30
C ASP B 171 3.90 17.51 -2.35
N ALA B 172 3.56 18.73 -1.94
CA ALA B 172 3.54 19.86 -2.85
C ALA B 172 4.27 21.09 -2.28
N GLU B 173 4.91 21.86 -3.16
CA GLU B 173 5.62 23.07 -2.76
C GLU B 173 4.71 23.98 -1.94
N ALA B 174 3.48 24.09 -2.42
CA ALA B 174 2.46 24.88 -1.75
C ALA B 174 2.30 24.42 -0.31
N GLY B 175 1.84 23.19 -0.13
CA GLY B 175 1.63 22.67 1.20
C GLY B 175 2.88 22.88 2.03
N ILE B 176 4.02 22.58 1.43
CA ILE B 176 5.30 22.66 2.11
C ILE B 176 5.49 24.01 2.79
N SER B 177 5.42 25.07 2.01
CA SER B 177 5.66 26.41 2.57
C SER B 177 4.57 26.83 3.56
N ALA B 178 3.33 26.45 3.28
CA ALA B 178 2.22 26.76 4.18
C ALA B 178 2.53 26.22 5.56
N ILE B 179 3.31 25.16 5.59
CA ILE B 179 3.66 24.46 6.81
C ILE B 179 4.73 25.19 7.58
N LYS B 180 5.84 25.46 6.89
CA LYS B 180 6.96 26.20 7.47
C LYS B 180 6.52 27.59 7.91
N SER B 181 5.71 28.25 7.08
CA SER B 181 5.16 29.55 7.43
C SER B 181 4.20 29.43 8.63
N ALA B 182 3.68 28.23 8.87
CA ALA B 182 2.90 27.96 10.06
C ALA B 182 3.84 27.73 11.24
N GLY B 183 5.14 27.74 10.95
CA GLY B 183 6.18 27.68 11.96
C GLY B 183 6.43 26.32 12.58
N MSE B 184 6.25 25.26 11.80
CA MSE B 184 6.53 23.92 12.31
C MSE B 184 7.67 23.31 11.51
O MSE B 184 8.26 23.99 10.66
CB MSE B 184 5.29 23.03 12.16
CG MSE B 184 3.97 23.64 12.62
SE MSE B 184 2.40 22.75 11.83
CE MSE B 184 2.66 23.28 9.97
N PHE B 185 7.97 22.04 11.76
CA PHE B 185 8.88 21.31 10.91
C PHE B 185 8.10 20.64 9.78
N ALA B 186 8.55 20.85 8.55
CA ALA B 186 7.83 20.42 7.36
C ALA B 186 8.49 19.22 6.68
N VAL B 187 7.76 18.12 6.59
CA VAL B 187 8.28 16.91 5.98
C VAL B 187 7.75 16.76 4.58
N GLY B 188 8.65 16.79 3.61
CA GLY B 188 8.25 16.70 2.22
C GLY B 188 8.34 15.31 1.66
N VAL B 189 7.28 14.91 0.97
CA VAL B 189 7.26 13.64 0.26
C VAL B 189 7.33 13.93 -1.23
N GLY B 190 8.45 13.57 -1.83
CA GLY B 190 8.63 13.79 -3.25
C GLY B 190 10.08 14.06 -3.54
N GLN B 191 10.34 14.69 -4.67
CA GLN B 191 11.71 14.98 -5.07
C GLN B 191 11.79 16.20 -5.97
N GLY B 192 12.92 16.91 -5.86
CA GLY B 192 13.23 18.00 -6.75
C GLY B 192 13.13 19.36 -6.10
N GLN B 193 13.17 20.39 -6.93
CA GLN B 193 13.04 21.76 -6.46
C GLN B 193 11.70 21.96 -5.77
N PRO B 194 10.65 21.28 -6.26
CA PRO B 194 9.36 21.29 -5.56
C PRO B 194 9.51 20.96 -4.08
N MSE B 195 10.69 20.50 -3.69
CA MSE B 195 10.89 20.00 -2.35
C MSE B 195 11.79 20.88 -1.49
O MSE B 195 11.88 20.68 -0.28
CB MSE B 195 11.43 18.57 -2.41
CG MSE B 195 10.48 17.54 -3.03
SE MSE B 195 8.80 17.32 -2.02
CE MSE B 195 9.57 17.54 -0.26
N LEU B 196 12.45 21.86 -2.11
CA LEU B 196 13.49 22.62 -1.42
C LEU B 196 12.99 23.80 -0.57
N GLY B 197 12.18 23.49 0.43
CA GLY B 197 11.77 24.42 1.46
C GLY B 197 11.41 23.58 2.66
N ALA B 198 11.81 22.31 2.58
CA ALA B 198 11.41 21.30 3.56
C ALA B 198 12.52 20.99 4.54
N ASP B 199 12.14 20.76 5.80
CA ASP B 199 13.07 20.25 6.81
C ASP B 199 13.56 18.90 6.35
N LEU B 200 12.61 17.99 6.18
CA LEU B 200 12.90 16.63 5.79
C LEU B 200 12.31 16.36 4.42
N VAL B 201 12.94 15.48 3.65
CA VAL B 201 12.39 15.07 2.38
C VAL B 201 12.66 13.60 2.15
N VAL B 202 11.59 12.81 2.21
CA VAL B 202 11.67 11.40 1.89
C VAL B 202 11.13 11.22 0.48
N ARG B 203 11.73 10.30 -0.28
CA ARG B 203 11.35 10.15 -1.68
C ARG B 203 10.00 9.44 -1.82
N GLN B 204 9.59 8.70 -0.79
CA GLN B 204 8.27 8.09 -0.76
C GLN B 204 7.77 7.81 0.66
N THR B 205 6.46 7.60 0.79
CA THR B 205 5.79 7.46 2.07
C THR B 205 6.33 6.33 2.95
N SER B 206 6.98 5.37 2.30
CA SER B 206 7.57 4.24 3.00
C SER B 206 8.75 4.65 3.84
N ASP B 207 9.62 5.48 3.24
CA ASP B 207 10.85 5.98 3.86
C ASP B 207 10.58 6.63 5.20
N LEU B 208 9.37 7.16 5.33
CA LEU B 208 8.98 7.88 6.53
C LEU B 208 8.46 6.96 7.64
N THR B 209 9.23 6.85 8.72
CA THR B 209 8.90 5.99 9.83
C THR B 209 8.94 6.82 11.10
N LEU B 210 8.25 6.38 12.15
CA LEU B 210 8.28 7.12 13.41
C LEU B 210 9.69 7.37 13.92
N GLU B 211 10.58 6.43 13.63
CA GLU B 211 11.97 6.57 14.02
C GLU B 211 12.55 7.80 13.36
N LEU B 212 12.72 7.73 12.04
CA LEU B 212 13.34 8.79 11.26
C LEU B 212 12.75 10.17 11.58
N LEU B 213 11.44 10.22 11.77
CA LEU B 213 10.79 11.47 12.18
C LEU B 213 11.47 11.99 13.44
N HIS B 214 11.48 11.17 14.49
CA HIS B 214 12.09 11.52 15.78
C HIS B 214 13.53 12.02 15.70
N GLU B 215 14.39 11.22 15.06
CA GLU B 215 15.81 11.53 14.99
C GLU B 215 16.06 12.88 14.32
N GLU B 216 15.30 13.16 13.28
CA GLU B 216 15.48 14.37 12.50
C GLU B 216 14.78 15.54 13.18
N TRP B 217 13.85 15.24 14.08
CA TRP B 217 13.10 16.29 14.78
C TRP B 217 13.88 16.90 15.93
N GLU B 218 14.36 16.06 16.85
CA GLU B 218 15.17 16.54 17.96
C GLU B 218 16.36 17.36 17.48
N GLN B 219 16.79 17.13 16.24
CA GLN B 219 17.85 17.93 15.62
C GLN B 219 17.34 19.30 15.18
N TYR B 220 16.11 19.34 14.69
CA TYR B 220 15.44 20.58 14.34
C TYR B 220 15.14 21.35 15.64
N ARG B 221 14.64 20.60 16.63
CA ARG B 221 14.24 21.14 17.94
C ARG B 221 15.37 21.91 18.61
N ILE B 222 16.53 21.27 18.61
CA ILE B 222 17.74 21.87 19.15
C ILE B 222 18.08 23.16 18.39
N ARG B 223 18.23 23.04 17.07
CA ARG B 223 18.60 24.18 16.22
C ARG B 223 17.71 25.40 16.43
N GLU B 224 16.55 25.19 17.05
CA GLU B 224 15.73 26.29 17.54
C GLU B 224 16.39 26.96 18.75
N SER B 225 16.57 26.21 19.84
CA SER B 225 17.16 26.77 21.04
C SER B 225 18.65 27.09 20.84
#